data_7KXF
#
_entry.id   7KXF
#
_cell.length_a   61.464
_cell.length_b   61.464
_cell.length_c   156.731
_cell.angle_alpha   90.00
_cell.angle_beta   90.00
_cell.angle_gamma   90.00
#
_symmetry.space_group_name_H-M   'P 41 21 2'
#
loop_
_entity.id
_entity.type
_entity.pdbx_description
1 polymer 'Nuclear receptor ROR-gamma, Nuclear receptor coactivator 1 chimera'
2 non-polymer N-(3,5-dichloro-4-{[6-methoxy-5-(propan-2-yl)pyridin-3-yl]oxy}phenyl)-2-[1-(methylsulfonyl)piperidin-4-yl]acetamide
3 water water
#
_entity_poly.entity_id   1
_entity_poly.type   'polypeptide(L)'
_entity_poly.pdbx_seq_one_letter_code
;MGSSHHHHHHSSGLVPRGSHMASLTEIEHLVQSVCKSYRETCQLRLEDLLRQRSNIFSREEVTGYQRKSMWEMWERCAHH
LTEAIQYVVEFAKRLSGFMELCQNDQIVLLKAGAMEVVLVRMCRAYNADNRTVFFEGKYGGMELFRALGCSELISSIFDF
SHSLSALHFSEDEIALYTALVLINAHRPGLQEKRKVEQLQYNLELAFHHHLCKTHRQSILAKLPPKGKLRSLCSQHVERL
QIFQHLHPIVVQAAFPPLYKELFSTSGGSGGLTERHKILHRLLQE
;
_entity_poly.pdbx_strand_id   A
#
loop_
_chem_comp.id
_chem_comp.type
_chem_comp.name
_chem_comp.formula
Z7I non-polymer N-(3,5-dichloro-4-{[6-methoxy-5-(propan-2-yl)pyridin-3-yl]oxy}phenyl)-2-[1-(methylsulfonyl)piperidin-4-yl]acetamide 'C23 H29 Cl2 N3 O5 S'
#
# COMPACT_ATOMS: atom_id res chain seq x y z
N MET A 21 18.33 -21.18 13.25
CA MET A 21 16.98 -20.92 13.77
C MET A 21 15.91 -21.15 12.71
N ALA A 22 14.66 -21.37 13.16
CA ALA A 22 13.50 -21.62 12.30
C ALA A 22 13.68 -22.79 11.34
N SER A 23 13.00 -23.91 11.60
CA SER A 23 13.01 -25.12 10.79
C SER A 23 11.98 -25.02 9.63
N LEU A 24 11.95 -26.01 8.72
CA LEU A 24 11.03 -26.02 7.60
C LEU A 24 9.58 -25.89 8.01
N THR A 25 9.15 -26.64 9.04
CA THR A 25 7.75 -26.61 9.48
C THR A 25 7.39 -25.23 10.07
N GLU A 26 8.32 -24.58 10.78
CA GLU A 26 8.12 -23.24 11.34
C GLU A 26 8.02 -22.21 10.22
N ILE A 27 8.84 -22.37 9.14
CA ILE A 27 8.78 -21.50 7.99
C ILE A 27 7.42 -21.63 7.31
N GLU A 28 6.94 -22.86 7.11
CA GLU A 28 5.64 -23.09 6.50
C GLU A 28 4.51 -22.57 7.37
N HIS A 29 4.67 -22.64 8.71
CA HIS A 29 3.66 -22.11 9.63
C HIS A 29 3.61 -20.60 9.51
N LEU A 30 4.79 -19.94 9.33
CA LEU A 30 4.86 -18.50 9.14
C LEU A 30 4.16 -18.10 7.84
N VAL A 31 4.33 -18.87 6.76
CA VAL A 31 3.64 -18.58 5.49
C VAL A 31 2.10 -18.50 5.69
N GLN A 32 1.55 -19.50 6.36
CA GLN A 32 0.13 -19.65 6.67
C GLN A 32 -0.40 -18.52 7.55
N SER A 33 0.33 -18.15 8.61
CA SER A 33 -0.12 -17.04 9.45
C SER A 33 -0.02 -15.70 8.76
N VAL A 34 0.99 -15.50 7.89
CA VAL A 34 1.09 -14.24 7.14
C VAL A 34 -0.07 -14.13 6.17
N CYS A 35 -0.35 -15.21 5.40
CA CYS A 35 -1.48 -15.23 4.47
C CYS A 35 -2.84 -15.05 5.16
N LYS A 36 -3.01 -15.64 6.35
CA LYS A 36 -4.23 -15.50 7.15
C LYS A 36 -4.42 -14.07 7.59
N SER A 37 -3.36 -13.41 8.12
CA SER A 37 -3.44 -12.03 8.59
C SER A 37 -3.77 -11.06 7.45
N TYR A 38 -3.27 -11.35 6.26
CA TYR A 38 -3.54 -10.56 5.10
C TYR A 38 -4.99 -10.74 4.64
N ARG A 39 -5.53 -11.97 4.63
CA ARG A 39 -6.92 -12.19 4.21
C ARG A 39 -7.89 -11.40 5.10
N GLU A 40 -7.60 -11.39 6.42
CA GLU A 40 -8.40 -10.68 7.43
C GLU A 40 -8.36 -9.16 7.29
N THR A 41 -7.37 -8.61 6.59
CA THR A 41 -7.17 -7.18 6.48
C THR A 41 -7.01 -6.71 5.03
N CYS A 42 -7.46 -7.52 4.04
CA CYS A 42 -7.24 -7.18 2.63
C CYS A 42 -8.12 -6.01 2.13
N GLN A 43 -9.06 -5.51 2.97
CA GLN A 43 -9.97 -4.38 2.70
C GLN A 43 -11.12 -4.80 1.78
N LEU A 44 -10.79 -5.23 0.57
CA LEU A 44 -11.77 -5.75 -0.36
C LEU A 44 -11.26 -7.09 -0.84
N ARG A 45 -12.14 -8.12 -0.84
CA ARG A 45 -11.77 -9.42 -1.38
C ARG A 45 -11.51 -9.29 -2.87
N LEU A 46 -10.60 -10.09 -3.40
CA LEU A 46 -10.26 -10.03 -4.82
C LEU A 46 -11.47 -10.16 -5.76
N GLU A 47 -12.35 -11.12 -5.43
CA GLU A 47 -13.58 -11.41 -6.18
C GLU A 47 -14.47 -10.16 -6.21
N ASP A 48 -14.54 -9.40 -5.09
CA ASP A 48 -15.34 -8.18 -5.04
C ASP A 48 -14.87 -7.15 -6.05
N LEU A 49 -13.53 -6.99 -6.18
CA LEU A 49 -12.94 -6.06 -7.15
C LEU A 49 -13.11 -6.56 -8.60
N LEU A 50 -12.86 -7.86 -8.83
CA LEU A 50 -12.96 -8.44 -10.17
C LEU A 50 -14.41 -8.40 -10.68
N ARG A 51 -15.40 -8.62 -9.81
CA ARG A 51 -16.83 -8.57 -10.20
C ARG A 51 -17.26 -7.23 -10.74
N GLN A 52 -16.58 -6.13 -10.34
CA GLN A 52 -16.92 -4.77 -10.76
C GLN A 52 -16.20 -4.28 -12.00
N ARG A 53 -15.39 -5.13 -12.64
CA ARG A 53 -14.58 -4.71 -13.77
C ARG A 53 -15.33 -4.10 -14.97
N SER A 54 -16.56 -4.54 -15.27
CA SER A 54 -17.32 -3.91 -16.36
C SER A 54 -18.15 -2.68 -15.89
N ASN A 55 -18.06 -2.30 -14.60
CA ASN A 55 -18.67 -1.12 -14.01
C ASN A 55 -17.67 0.04 -14.14
N ILE A 56 -17.68 0.70 -15.29
CA ILE A 56 -16.74 1.76 -15.65
C ILE A 56 -17.38 3.12 -15.68
N PHE A 57 -16.71 4.16 -15.17
CA PHE A 57 -17.24 5.53 -15.22
C PHE A 57 -17.56 5.96 -16.63
N SER A 58 -18.72 6.58 -16.86
CA SER A 58 -19.07 7.07 -18.19
C SER A 58 -18.27 8.34 -18.53
N ARG A 59 -18.29 8.80 -19.80
CA ARG A 59 -17.61 10.04 -20.21
C ARG A 59 -18.08 11.23 -19.37
N GLU A 60 -19.39 11.25 -19.06
CA GLU A 60 -20.02 12.31 -18.29
C GLU A 60 -19.49 12.28 -16.85
N GLU A 61 -19.32 11.07 -16.28
CA GLU A 61 -18.78 10.93 -14.93
C GLU A 61 -17.31 11.33 -14.89
N VAL A 62 -16.52 10.97 -15.91
CA VAL A 62 -15.11 11.37 -16.00
C VAL A 62 -15.00 12.90 -16.03
N THR A 63 -15.82 13.55 -16.88
CA THR A 63 -15.88 15.00 -16.99
C THR A 63 -16.21 15.67 -15.65
N GLY A 64 -17.15 15.07 -14.92
CA GLY A 64 -17.54 15.54 -13.59
C GLY A 64 -16.38 15.57 -12.62
N TYR A 65 -15.54 14.52 -12.64
CA TYR A 65 -14.34 14.47 -11.80
C TYR A 65 -13.31 15.49 -12.19
N GLN A 66 -13.10 15.69 -13.49
CA GLN A 66 -12.10 16.65 -13.97
C GLN A 66 -12.49 18.09 -13.65
N ARG A 67 -13.83 18.37 -13.59
CA ARG A 67 -14.39 19.69 -13.27
C ARG A 67 -14.43 19.99 -11.79
N LYS A 68 -14.24 18.97 -10.91
CA LYS A 68 -14.16 19.20 -9.48
C LYS A 68 -12.96 20.10 -9.15
N SER A 69 -13.05 20.90 -8.08
CA SER A 69 -11.91 21.75 -7.72
C SER A 69 -10.73 20.86 -7.28
N MET A 70 -9.52 21.37 -7.41
CA MET A 70 -8.30 20.68 -7.02
C MET A 70 -8.34 20.26 -5.55
N TRP A 71 -8.85 21.15 -4.67
CA TRP A 71 -8.87 20.86 -3.24
C TRP A 71 -9.95 19.82 -2.87
N GLU A 72 -11.08 19.79 -3.56
CA GLU A 72 -12.09 18.76 -3.33
C GLU A 72 -11.52 17.38 -3.77
N MET A 73 -10.84 17.30 -4.92
CA MET A 73 -10.24 16.03 -5.35
C MET A 73 -9.17 15.56 -4.36
N TRP A 74 -8.36 16.50 -3.84
CA TRP A 74 -7.30 16.16 -2.89
C TRP A 74 -7.85 15.58 -1.60
N GLU A 75 -8.95 16.16 -1.08
CA GLU A 75 -9.63 15.69 0.12
C GLU A 75 -10.20 14.31 -0.08
N ARG A 76 -10.81 14.06 -1.24
CA ARG A 76 -11.39 12.73 -1.51
C ARG A 76 -10.31 11.69 -1.57
N CYS A 77 -9.22 11.96 -2.30
CA CYS A 77 -8.11 11.02 -2.39
C CYS A 77 -7.44 10.79 -1.04
N ALA A 78 -7.19 11.86 -0.25
CA ALA A 78 -6.59 11.71 1.08
C ALA A 78 -7.48 10.84 1.98
N HIS A 79 -8.82 10.98 1.84
CA HIS A 79 -9.78 10.16 2.60
C HIS A 79 -9.68 8.69 2.16
N HIS A 80 -9.69 8.39 0.85
CA HIS A 80 -9.60 7.00 0.38
C HIS A 80 -8.25 6.35 0.76
N LEU A 81 -7.15 7.12 0.67
CA LEU A 81 -5.83 6.60 1.05
C LEU A 81 -5.76 6.30 2.53
N THR A 82 -6.39 7.14 3.37
CA THR A 82 -6.42 6.96 4.80
C THR A 82 -7.15 5.68 5.17
N GLU A 83 -8.30 5.39 4.51
CA GLU A 83 -9.05 4.15 4.74
C GLU A 83 -8.16 2.95 4.41
N ALA A 84 -7.45 3.01 3.25
CA ALA A 84 -6.55 1.93 2.82
C ALA A 84 -5.44 1.71 3.86
N ILE A 85 -4.83 2.79 4.38
CA ILE A 85 -3.76 2.76 5.39
C ILE A 85 -4.23 2.13 6.69
N GLN A 86 -5.49 2.40 7.08
CA GLN A 86 -6.09 1.81 8.26
C GLN A 86 -6.09 0.28 8.20
N TYR A 87 -6.34 -0.30 7.01
CA TYR A 87 -6.29 -1.75 6.84
C TYR A 87 -4.82 -2.27 6.90
N VAL A 88 -3.86 -1.45 6.42
CA VAL A 88 -2.44 -1.79 6.51
C VAL A 88 -1.95 -1.82 7.97
N VAL A 89 -2.45 -0.88 8.78
CA VAL A 89 -2.11 -0.80 10.21
C VAL A 89 -2.63 -2.07 10.90
N GLU A 90 -3.86 -2.49 10.59
CA GLU A 90 -4.44 -3.72 11.16
C GLU A 90 -3.68 -4.97 10.70
N PHE A 91 -3.19 -4.97 9.47
CA PHE A 91 -2.37 -6.07 8.92
C PHE A 91 -1.07 -6.18 9.74
N ALA A 92 -0.38 -5.05 9.99
CA ALA A 92 0.81 -4.96 10.80
C ALA A 92 0.51 -5.47 12.23
N LYS A 93 -0.60 -5.01 12.86
CA LYS A 93 -0.95 -5.46 14.23
C LYS A 93 -1.18 -6.98 14.32
N ARG A 94 -1.69 -7.59 13.25
CA ARG A 94 -1.89 -9.03 13.21
C ARG A 94 -0.67 -9.80 12.68
N LEU A 95 0.34 -9.11 12.16
CA LEU A 95 1.53 -9.71 11.60
C LEU A 95 2.45 -10.27 12.68
N SER A 96 2.67 -11.59 12.64
CA SER A 96 3.53 -12.37 13.52
C SER A 96 4.90 -11.68 13.71
N GLY A 97 5.19 -11.30 14.95
CA GLY A 97 6.42 -10.61 15.29
C GLY A 97 6.32 -9.10 15.43
N PHE A 98 5.41 -8.44 14.70
CA PHE A 98 5.31 -6.98 14.72
C PHE A 98 4.97 -6.37 16.08
N MET A 99 3.93 -6.86 16.75
CA MET A 99 3.57 -6.31 18.07
C MET A 99 4.61 -6.57 19.17
N GLU A 100 5.54 -7.52 18.92
CA GLU A 100 6.64 -7.85 19.82
C GLU A 100 7.82 -6.86 19.67
N LEU A 101 7.84 -6.02 18.60
CA LEU A 101 8.84 -4.98 18.46
C LEU A 101 8.42 -3.83 19.39
N CYS A 102 9.34 -2.91 19.69
CA CYS A 102 9.01 -1.77 20.54
C CYS A 102 8.12 -0.75 19.82
N GLN A 103 7.41 0.10 20.58
CA GLN A 103 6.51 1.08 20.00
C GLN A 103 7.17 2.02 19.04
N ASN A 104 8.40 2.45 19.32
CA ASN A 104 9.13 3.35 18.42
C ASN A 104 9.34 2.70 17.07
N ASP A 105 9.71 1.40 17.08
CA ASP A 105 10.00 0.65 15.88
C ASP A 105 8.71 0.32 15.08
N GLN A 106 7.60 0.08 15.78
CA GLN A 106 6.30 -0.15 15.14
C GLN A 106 5.89 1.08 14.32
N ILE A 107 6.10 2.28 14.90
CA ILE A 107 5.77 3.57 14.30
C ILE A 107 6.72 3.92 13.16
N VAL A 108 8.02 3.63 13.34
CA VAL A 108 8.99 3.87 12.29
C VAL A 108 8.65 3.01 11.05
N LEU A 109 8.30 1.74 11.26
CA LEU A 109 7.96 0.86 10.13
C LEU A 109 6.67 1.28 9.41
N LEU A 110 5.65 1.72 10.16
CA LEU A 110 4.38 2.15 9.57
C LEU A 110 4.47 3.49 8.84
N LYS A 111 5.23 4.46 9.38
CA LYS A 111 5.41 5.74 8.75
C LYS A 111 6.11 5.59 7.42
N ALA A 112 7.13 4.73 7.35
CA ALA A 112 7.86 4.54 6.09
C ALA A 112 7.20 3.57 5.11
N GLY A 113 6.49 2.57 5.61
CA GLY A 113 5.98 1.50 4.76
C GLY A 113 4.49 1.38 4.52
N ALA A 114 3.65 2.10 5.27
CA ALA A 114 2.19 1.99 5.07
C ALA A 114 1.77 2.36 3.65
N MET A 115 2.22 3.53 3.14
CA MET A 115 1.89 3.96 1.78
C MET A 115 2.44 3.00 0.73
N GLU A 116 3.65 2.46 0.96
CA GLU A 116 4.28 1.47 0.08
C GLU A 116 3.40 0.23 0.02
N VAL A 117 2.89 -0.25 1.17
CA VAL A 117 2.01 -1.42 1.18
C VAL A 117 0.71 -1.12 0.41
N VAL A 118 0.15 0.10 0.58
CA VAL A 118 -1.05 0.51 -0.13
C VAL A 118 -0.82 0.49 -1.66
N LEU A 119 0.33 1.02 -2.13
CA LEU A 119 0.68 1.07 -3.55
C LEU A 119 0.85 -0.32 -4.17
N VAL A 120 1.28 -1.32 -3.38
CA VAL A 120 1.41 -2.68 -3.89
C VAL A 120 0.03 -3.32 -3.95
N ARG A 121 -0.77 -3.20 -2.85
CA ARG A 121 -2.12 -3.75 -2.80
C ARG A 121 -2.99 -3.20 -3.93
N MET A 122 -2.80 -1.93 -4.29
CA MET A 122 -3.49 -1.20 -5.37
C MET A 122 -3.51 -1.96 -6.71
N CYS A 123 -2.50 -2.80 -7.01
CA CYS A 123 -2.49 -3.57 -8.26
C CYS A 123 -3.71 -4.50 -8.37
N ARG A 124 -4.26 -4.97 -7.22
CA ARG A 124 -5.45 -5.82 -7.18
C ARG A 124 -6.70 -5.08 -7.71
N ALA A 125 -6.74 -3.76 -7.53
CA ALA A 125 -7.84 -2.91 -7.98
C ALA A 125 -7.56 -2.28 -9.35
N TYR A 126 -6.51 -2.72 -10.03
CA TYR A 126 -6.12 -2.20 -11.32
C TYR A 126 -6.45 -3.25 -12.41
N ASN A 127 -7.04 -2.81 -13.51
CA ASN A 127 -7.40 -3.68 -14.64
C ASN A 127 -6.43 -3.35 -15.78
N ALA A 128 -5.47 -4.24 -16.05
CA ALA A 128 -4.49 -4.01 -17.10
C ALA A 128 -5.09 -4.00 -18.51
N ASP A 129 -6.23 -4.66 -18.73
CA ASP A 129 -6.84 -4.71 -20.05
C ASP A 129 -7.25 -3.35 -20.60
N ASN A 130 -7.82 -2.48 -19.75
CA ASN A 130 -8.22 -1.14 -20.16
C ASN A 130 -7.50 0.00 -19.40
N ARG A 131 -6.53 -0.35 -18.53
CA ARG A 131 -5.77 0.62 -17.73
C ARG A 131 -6.65 1.48 -16.82
N THR A 132 -7.55 0.83 -16.08
CA THR A 132 -8.44 1.51 -15.16
C THR A 132 -8.16 1.03 -13.74
N VAL A 133 -8.52 1.86 -12.75
CA VAL A 133 -8.35 1.52 -11.36
C VAL A 133 -9.72 1.70 -10.64
N PHE A 134 -10.02 0.87 -9.62
CA PHE A 134 -11.28 0.98 -8.87
C PHE A 134 -11.18 2.22 -7.97
N PHE A 135 -12.19 3.11 -8.04
CA PHE A 135 -12.20 4.35 -7.29
C PHE A 135 -13.64 4.76 -7.09
N GLU A 136 -14.08 4.92 -5.84
CA GLU A 136 -15.45 5.35 -5.55
C GLU A 136 -16.53 4.54 -6.29
N GLY A 137 -16.40 3.22 -6.26
CA GLY A 137 -17.41 2.32 -6.79
C GLY A 137 -17.34 1.88 -8.23
N LYS A 138 -16.51 2.52 -9.04
CA LYS A 138 -16.37 2.16 -10.46
C LYS A 138 -14.90 2.23 -10.88
N TYR A 139 -14.60 1.73 -12.08
CA TYR A 139 -13.27 1.76 -12.64
C TYR A 139 -13.13 2.94 -13.54
N GLY A 140 -12.03 3.66 -13.39
CA GLY A 140 -11.76 4.82 -14.21
C GLY A 140 -10.31 4.90 -14.58
N GLY A 141 -10.02 5.54 -15.71
CA GLY A 141 -8.64 5.70 -16.17
C GLY A 141 -7.93 6.84 -15.48
N MET A 142 -6.66 7.00 -15.78
CA MET A 142 -5.76 8.02 -15.25
C MET A 142 -6.32 9.45 -15.37
N GLU A 143 -7.06 9.72 -16.45
CA GLU A 143 -7.64 11.03 -16.71
C GLU A 143 -8.71 11.45 -15.67
N LEU A 144 -9.21 10.49 -14.88
CA LEU A 144 -10.17 10.77 -13.83
C LEU A 144 -9.58 11.72 -12.76
N PHE A 145 -8.26 11.65 -12.54
CA PHE A 145 -7.51 12.39 -11.51
C PHE A 145 -6.84 13.69 -12.00
N ARG A 146 -7.18 14.14 -13.22
CA ARG A 146 -6.60 15.34 -13.80
C ARG A 146 -6.70 16.61 -12.91
N ALA A 147 -7.77 16.74 -12.11
CA ALA A 147 -7.94 17.93 -11.26
C ALA A 147 -6.98 18.02 -10.08
N LEU A 148 -6.32 16.90 -9.68
CA LEU A 148 -5.32 16.93 -8.60
C LEU A 148 -4.14 17.83 -8.92
N GLY A 149 -3.82 17.96 -10.21
CA GLY A 149 -2.66 18.71 -10.65
C GLY A 149 -1.38 17.96 -10.36
N CYS A 150 -1.41 16.62 -10.40
CA CYS A 150 -0.18 15.86 -10.23
C CYS A 150 -0.19 14.63 -11.13
N SER A 151 -0.34 14.92 -12.42
CA SER A 151 -0.44 13.94 -13.48
C SER A 151 0.82 13.07 -13.63
N GLU A 152 2.02 13.60 -13.35
CA GLU A 152 3.22 12.78 -13.40
C GLU A 152 3.16 11.67 -12.31
N LEU A 153 2.73 12.03 -11.08
CA LEU A 153 2.57 11.05 -10.00
C LEU A 153 1.46 10.04 -10.31
N ILE A 154 0.29 10.50 -10.80
CA ILE A 154 -0.81 9.57 -11.13
C ILE A 154 -0.37 8.54 -12.19
N SER A 155 0.29 9.01 -13.25
CA SER A 155 0.80 8.08 -14.28
C SER A 155 1.87 7.15 -13.72
N SER A 156 2.74 7.63 -12.81
CA SER A 156 3.75 6.77 -12.17
C SER A 156 3.06 5.64 -11.38
N ILE A 157 1.95 5.95 -10.68
CA ILE A 157 1.19 4.96 -9.90
C ILE A 157 0.52 3.94 -10.83
N PHE A 158 -0.07 4.41 -11.93
CA PHE A 158 -0.71 3.53 -12.90
C PHE A 158 0.36 2.63 -13.56
N ASP A 159 1.54 3.18 -13.90
CA ASP A 159 2.65 2.42 -14.50
C ASP A 159 3.12 1.35 -13.50
N PHE A 160 3.26 1.73 -12.24
CA PHE A 160 3.70 0.79 -11.21
C PHE A 160 2.71 -0.36 -11.05
N SER A 161 1.41 -0.06 -11.06
CA SER A 161 0.35 -1.05 -10.98
C SER A 161 0.32 -1.96 -12.20
N HIS A 162 0.56 -1.40 -13.38
CA HIS A 162 0.64 -2.14 -14.63
C HIS A 162 1.82 -3.13 -14.58
N SER A 163 2.99 -2.67 -14.12
CA SER A 163 4.18 -3.51 -13.99
C SER A 163 3.96 -4.64 -12.96
N LEU A 164 3.21 -4.39 -11.87
CA LEU A 164 2.90 -5.45 -10.91
C LEU A 164 1.87 -6.42 -11.44
N SER A 165 0.94 -5.94 -12.26
CA SER A 165 -0.13 -6.75 -12.88
C SER A 165 0.42 -7.81 -13.80
N ALA A 166 1.50 -7.48 -14.52
CA ALA A 166 2.18 -8.40 -15.44
C ALA A 166 2.73 -9.64 -14.72
N LEU A 167 3.01 -9.53 -13.38
CA LEU A 167 3.49 -10.64 -12.57
C LEU A 167 2.40 -11.65 -12.24
N HIS A 168 1.11 -11.25 -12.32
CA HIS A 168 -0.03 -12.12 -12.01
C HIS A 168 0.06 -12.69 -10.60
N PHE A 169 0.35 -11.84 -9.61
CA PHE A 169 0.48 -12.24 -8.21
C PHE A 169 -0.72 -12.99 -7.69
N SER A 170 -0.48 -14.05 -6.92
CA SER A 170 -1.56 -14.72 -6.21
C SER A 170 -1.81 -13.88 -4.92
N GLU A 171 -2.91 -14.13 -4.22
CA GLU A 171 -3.20 -13.43 -2.97
C GLU A 171 -2.15 -13.78 -1.92
N ASP A 172 -1.69 -15.04 -1.88
CA ASP A 172 -0.63 -15.43 -0.95
C ASP A 172 0.69 -14.72 -1.23
N GLU A 173 1.03 -14.50 -2.51
CA GLU A 173 2.25 -13.80 -2.89
C GLU A 173 2.17 -12.35 -2.41
N ILE A 174 1.00 -11.70 -2.59
CA ILE A 174 0.78 -10.34 -2.14
C ILE A 174 0.96 -10.23 -0.64
N ALA A 175 0.39 -11.19 0.11
CA ALA A 175 0.50 -11.24 1.56
C ALA A 175 1.98 -11.28 2.00
N LEU A 176 2.76 -12.19 1.40
CA LEU A 176 4.15 -12.36 1.76
C LEU A 176 5.06 -11.19 1.32
N TYR A 177 4.82 -10.67 0.10
CA TYR A 177 5.58 -9.55 -0.42
C TYR A 177 5.30 -8.28 0.41
N THR A 178 4.02 -8.01 0.74
CA THR A 178 3.70 -6.81 1.51
C THR A 178 4.20 -6.91 2.95
N ALA A 179 4.26 -8.12 3.54
CA ALA A 179 4.84 -8.28 4.88
C ALA A 179 6.32 -7.84 4.85
N LEU A 180 7.08 -8.22 3.79
CA LEU A 180 8.45 -7.79 3.63
C LEU A 180 8.59 -6.29 3.32
N VAL A 181 7.61 -5.68 2.62
CA VAL A 181 7.63 -4.25 2.33
C VAL A 181 7.62 -3.47 3.68
N LEU A 182 6.74 -3.89 4.59
CA LEU A 182 6.63 -3.28 5.90
C LEU A 182 7.81 -3.65 6.86
N ILE A 183 8.22 -4.92 6.90
CA ILE A 183 9.28 -5.36 7.80
C ILE A 183 10.63 -5.16 7.14
N ASN A 184 11.10 -3.91 7.13
CA ASN A 184 12.34 -3.48 6.49
C ASN A 184 13.30 -3.05 7.58
N ALA A 185 14.37 -3.83 7.81
CA ALA A 185 15.34 -3.52 8.86
C ALA A 185 16.25 -2.34 8.55
N HIS A 186 16.21 -1.78 7.34
CA HIS A 186 17.06 -0.66 6.98
C HIS A 186 16.40 0.69 7.15
N ARG A 187 15.14 0.77 7.66
CA ARG A 187 14.51 2.06 7.87
C ARG A 187 15.28 2.86 8.90
N PRO A 188 15.62 4.12 8.60
CA PRO A 188 16.30 4.96 9.60
C PRO A 188 15.43 5.21 10.85
N GLY A 189 16.00 5.09 12.04
CA GLY A 189 15.27 5.36 13.28
C GLY A 189 14.88 4.17 14.12
N LEU A 190 15.22 2.96 13.64
CA LEU A 190 14.90 1.75 14.38
C LEU A 190 15.89 1.62 15.52
N GLN A 191 15.37 1.42 16.73
CA GLN A 191 16.12 1.26 17.97
C GLN A 191 16.58 -0.18 18.15
N GLU A 192 15.76 -1.15 17.75
CA GLU A 192 16.14 -2.56 17.85
C GLU A 192 16.30 -3.15 16.45
N LYS A 193 17.37 -2.73 15.74
CA LYS A 193 17.69 -3.18 14.40
C LYS A 193 17.77 -4.71 14.28
N ARG A 194 18.44 -5.39 15.22
CA ARG A 194 18.59 -6.84 15.20
C ARG A 194 17.25 -7.54 15.22
N LYS A 195 16.31 -7.08 16.07
CA LYS A 195 14.98 -7.67 16.14
C LYS A 195 14.25 -7.55 14.82
N VAL A 196 14.35 -6.38 14.15
CA VAL A 196 13.71 -6.22 12.85
C VAL A 196 14.39 -7.10 11.80
N GLU A 197 15.73 -7.18 11.82
CA GLU A 197 16.54 -8.03 10.93
C GLU A 197 16.14 -9.50 11.00
N GLN A 198 16.01 -10.05 12.23
CA GLN A 198 15.61 -11.44 12.45
C GLN A 198 14.22 -11.70 11.86
N LEU A 199 13.27 -10.80 12.14
CA LEU A 199 11.91 -10.92 11.62
C LEU A 199 11.86 -10.78 10.09
N GLN A 200 12.63 -9.85 9.51
CA GLN A 200 12.69 -9.70 8.06
C GLN A 200 13.26 -10.98 7.42
N TYR A 201 14.31 -11.56 8.04
CA TYR A 201 14.95 -12.78 7.54
C TYR A 201 13.95 -13.96 7.54
N ASN A 202 13.15 -14.13 8.62
CA ASN A 202 12.17 -15.22 8.64
C ASN A 202 11.10 -15.00 7.57
N LEU A 203 10.67 -13.76 7.38
CA LEU A 203 9.66 -13.45 6.36
C LEU A 203 10.19 -13.65 4.95
N GLU A 204 11.47 -13.40 4.74
CA GLU A 204 12.09 -13.60 3.44
C GLU A 204 12.24 -15.07 3.11
N LEU A 205 12.59 -15.88 4.13
CA LEU A 205 12.70 -17.33 3.97
C LEU A 205 11.29 -17.89 3.66
N ALA A 206 10.23 -17.38 4.35
CA ALA A 206 8.85 -17.80 4.13
C ALA A 206 8.43 -17.47 2.70
N PHE A 207 8.72 -16.23 2.26
CA PHE A 207 8.40 -15.81 0.90
C PHE A 207 9.14 -16.66 -0.13
N HIS A 208 10.48 -16.80 0.00
CA HIS A 208 11.26 -17.58 -0.97
C HIS A 208 10.90 -19.10 -0.93
N HIS A 209 10.54 -19.63 0.25
CA HIS A 209 10.14 -21.02 0.37
C HIS A 209 8.84 -21.24 -0.40
N HIS A 210 7.86 -20.35 -0.21
CA HIS A 210 6.59 -20.44 -0.88
C HIS A 210 6.74 -20.31 -2.39
N LEU A 211 7.62 -19.42 -2.86
CA LEU A 211 7.86 -19.29 -4.31
C LEU A 211 8.53 -20.56 -4.89
N CYS A 212 9.50 -21.12 -4.17
CA CYS A 212 10.19 -22.34 -4.60
C CYS A 212 9.16 -23.51 -4.68
N LYS A 213 8.31 -23.64 -3.63
CA LYS A 213 7.28 -24.68 -3.52
C LYS A 213 6.25 -24.64 -4.64
N THR A 214 5.85 -23.41 -5.06
CA THR A 214 4.87 -23.18 -6.11
C THR A 214 5.47 -22.97 -7.51
N HIS A 215 6.82 -23.07 -7.66
CA HIS A 215 7.54 -22.91 -8.92
C HIS A 215 7.35 -21.51 -9.48
N ARG A 216 7.51 -20.50 -8.60
CA ARG A 216 7.33 -19.12 -8.97
C ARG A 216 8.55 -18.26 -8.64
N GLN A 217 9.75 -18.86 -8.47
CA GLN A 217 10.97 -18.08 -8.17
C GLN A 217 11.37 -17.12 -9.30
N SER A 218 10.82 -17.30 -10.51
CA SER A 218 11.11 -16.41 -11.62
C SER A 218 10.56 -14.97 -11.40
N ILE A 219 9.60 -14.78 -10.46
CA ILE A 219 9.10 -13.44 -10.14
C ILE A 219 10.16 -12.60 -9.41
N LEU A 220 11.16 -13.22 -8.75
CA LEU A 220 12.16 -12.49 -7.97
C LEU A 220 12.95 -11.46 -8.76
N ALA A 221 13.41 -11.81 -9.97
CA ALA A 221 14.12 -10.85 -10.82
C ALA A 221 13.16 -9.79 -11.41
N LYS A 222 11.85 -10.03 -11.43
CA LYS A 222 10.87 -9.10 -11.98
C LYS A 222 10.24 -8.16 -10.95
N LEU A 223 10.47 -8.39 -9.66
CA LEU A 223 9.94 -7.53 -8.60
C LEU A 223 10.64 -6.16 -8.71
N PRO A 224 9.91 -5.06 -8.41
CA PRO A 224 10.54 -3.74 -8.54
C PRO A 224 11.66 -3.50 -7.54
N PRO A 225 12.65 -2.65 -7.90
CA PRO A 225 13.70 -2.30 -6.93
C PRO A 225 13.10 -1.56 -5.72
N LYS A 226 13.76 -1.66 -4.55
CA LYS A 226 13.26 -0.98 -3.35
C LYS A 226 13.12 0.55 -3.54
N GLY A 227 14.02 1.12 -4.35
CA GLY A 227 14.01 2.55 -4.66
C GLY A 227 12.81 3.04 -5.45
N LYS A 228 12.12 2.12 -6.16
CA LYS A 228 10.93 2.51 -6.93
C LYS A 228 9.74 2.84 -6.01
N LEU A 229 9.51 2.03 -4.98
CA LEU A 229 8.44 2.28 -4.01
C LEU A 229 8.74 3.55 -3.21
N ARG A 230 10.05 3.79 -2.91
CA ARG A 230 10.51 4.97 -2.20
C ARG A 230 10.32 6.22 -3.02
N SER A 231 10.55 6.15 -4.35
CA SER A 231 10.37 7.34 -5.19
C SER A 231 8.89 7.70 -5.34
N LEU A 232 7.99 6.71 -5.44
CA LEU A 232 6.55 6.98 -5.51
C LEU A 232 6.07 7.65 -4.23
N CYS A 233 6.59 7.22 -3.07
CA CYS A 233 6.24 7.78 -1.77
C CYS A 233 6.81 9.16 -1.56
N SER A 234 8.04 9.39 -2.04
CA SER A 234 8.64 10.71 -1.98
C SER A 234 7.87 11.67 -2.88
N GLN A 235 7.46 11.25 -4.10
CA GLN A 235 6.68 12.09 -5.00
C GLN A 235 5.35 12.46 -4.34
N HIS A 236 4.70 11.50 -3.66
CA HIS A 236 3.45 11.78 -2.96
C HIS A 236 3.66 12.84 -1.88
N VAL A 237 4.72 12.72 -1.06
CA VAL A 237 5.00 13.70 0.00
C VAL A 237 5.28 15.08 -0.62
N GLU A 238 6.03 15.11 -1.74
CA GLU A 238 6.33 16.37 -2.42
C GLU A 238 5.10 17.06 -3.02
N ARG A 239 4.21 16.30 -3.67
CA ARG A 239 3.02 16.89 -4.28
C ARG A 239 2.06 17.38 -3.21
N LEU A 240 1.98 16.69 -2.06
CA LEU A 240 1.16 17.09 -0.93
C LEU A 240 1.69 18.42 -0.37
N GLN A 241 3.02 18.58 -0.29
CA GLN A 241 3.63 19.82 0.20
C GLN A 241 3.23 21.00 -0.67
N ILE A 242 3.28 20.83 -2.00
CA ILE A 242 2.89 21.85 -2.96
C ILE A 242 1.41 22.22 -2.76
N PHE A 243 0.54 21.21 -2.64
CA PHE A 243 -0.87 21.47 -2.41
C PHE A 243 -1.10 22.22 -1.09
N GLN A 244 -0.49 21.74 0.00
CA GLN A 244 -0.64 22.30 1.34
C GLN A 244 -0.13 23.73 1.43
N HIS A 245 0.96 24.06 0.70
CA HIS A 245 1.50 25.42 0.67
C HIS A 245 0.45 26.38 0.05
N LEU A 246 -0.28 25.92 -0.97
CA LEU A 246 -1.32 26.68 -1.64
C LEU A 246 -2.66 26.71 -0.91
N HIS A 247 -3.01 25.63 -0.22
CA HIS A 247 -4.27 25.52 0.51
C HIS A 247 -4.03 24.99 1.94
N PRO A 248 -3.34 25.77 2.80
CA PRO A 248 -3.05 25.26 4.16
C PRO A 248 -4.25 24.98 5.04
N ILE A 249 -5.32 25.81 5.00
CA ILE A 249 -6.47 25.59 5.87
C ILE A 249 -7.28 24.40 5.36
N VAL A 250 -7.27 24.07 4.05
CA VAL A 250 -7.95 22.87 3.56
C VAL A 250 -7.36 21.61 4.23
N VAL A 251 -6.02 21.50 4.29
CA VAL A 251 -5.35 20.35 4.92
C VAL A 251 -5.65 20.30 6.43
N GLN A 252 -5.50 21.45 7.10
CA GLN A 252 -5.77 21.55 8.52
C GLN A 252 -7.22 21.21 8.89
N ALA A 253 -8.18 21.68 8.12
CA ALA A 253 -9.59 21.51 8.43
C ALA A 253 -10.28 20.27 7.83
N ALA A 254 -9.85 19.80 6.66
CA ALA A 254 -10.59 18.74 5.98
C ALA A 254 -9.79 17.48 5.59
N PHE A 255 -8.52 17.38 6.02
CA PHE A 255 -7.73 16.17 5.74
C PHE A 255 -7.78 15.27 6.95
N PRO A 256 -7.76 13.95 6.74
CA PRO A 256 -7.82 13.04 7.90
C PRO A 256 -6.58 13.18 8.80
N PRO A 257 -6.79 13.19 10.12
CA PRO A 257 -5.66 13.31 11.05
C PRO A 257 -4.55 12.28 10.83
N LEU A 258 -4.90 11.01 10.57
CA LEU A 258 -3.89 9.98 10.33
C LEU A 258 -3.02 10.30 9.08
N TYR A 259 -3.66 10.78 7.99
CA TYR A 259 -2.98 11.17 6.76
C TYR A 259 -1.98 12.29 7.05
N LYS A 260 -2.41 13.32 7.77
CA LYS A 260 -1.52 14.44 8.09
C LYS A 260 -0.35 14.01 8.93
N GLU A 261 -0.59 13.14 9.91
CA GLU A 261 0.47 12.65 10.77
C GLU A 261 1.52 11.87 9.97
N LEU A 262 1.08 11.06 9.00
CA LEU A 262 2.03 10.27 8.20
C LEU A 262 2.77 11.06 7.13
N PHE A 263 2.10 12.01 6.46
CA PHE A 263 2.69 12.64 5.28
C PHE A 263 2.86 14.14 5.31
N SER A 264 2.17 14.85 6.20
CA SER A 264 2.25 16.32 6.23
C SER A 264 3.44 16.86 7.03
N LYS A 277 -0.32 10.76 19.49
CA LYS A 277 -0.60 10.80 18.05
C LYS A 277 -1.63 9.71 17.63
N ILE A 278 -2.16 9.78 16.38
CA ILE A 278 -3.19 8.84 15.91
C ILE A 278 -2.64 7.42 15.82
N LEU A 279 -1.45 7.26 15.23
CA LEU A 279 -0.82 5.95 15.09
C LEU A 279 -0.64 5.24 16.43
N HIS A 280 -0.16 5.99 17.45
CA HIS A 280 0.04 5.46 18.81
C HIS A 280 -1.28 4.90 19.38
N ARG A 281 -2.38 5.63 19.18
CA ARG A 281 -3.72 5.22 19.61
C ARG A 281 -4.21 3.97 18.86
N LEU A 282 -3.98 3.91 17.54
CA LEU A 282 -4.36 2.79 16.67
C LEU A 282 -3.67 1.50 17.08
N LEU A 283 -2.38 1.58 17.43
CA LEU A 283 -1.58 0.44 17.84
C LEU A 283 -1.84 -0.01 19.27
N GLN A 284 -2.27 0.93 20.15
CA GLN A 284 -2.59 0.65 21.56
C GLN A 284 -3.89 -0.12 21.70
N GLU A 285 -4.86 0.14 20.81
CA GLU A 285 -6.17 -0.54 20.81
C GLU A 285 -6.02 -2.06 20.58
C1 Z7I B . -2.82 9.90 -4.74
C2 Z7I B . -2.05 8.76 -4.39
N1 Z7I B . -2.37 7.51 -4.67
C3 Z7I B . -3.51 7.30 -5.34
C4 Z7I B . -4.34 8.31 -5.73
C5 Z7I B . -4.00 9.64 -5.43
C6 Z7I B . -2.45 11.34 -4.42
O1 Z7I B . -5.50 8.01 -6.43
C7 Z7I B . -6.27 6.92 -6.05
C8 Z7I B . -6.37 5.83 -6.90
C9 Z7I B . -7.18 4.75 -6.61
C10 Z7I B . -7.93 4.75 -5.43
C11 Z7I B . -7.83 5.83 -4.56
C12 Z7I B . -7.01 6.89 -4.88
CL1 Z7I B . -5.41 5.79 -8.35
N2 Z7I B . -8.77 3.67 -5.11
C13 Z7I B . -3.59 12.13 -3.79
C14 Z7I B . -1.91 12.07 -5.64
C15 Z7I B . -9.26 3.32 -3.89
O2 Z7I B . -9.01 3.95 -2.86
C16 Z7I B . -10.10 2.08 -3.87
C17 Z7I B . -9.36 0.94 -3.21
C18 Z7I B . -8.33 0.32 -4.14
C19 Z7I B . -7.54 -0.76 -3.40
N3 Z7I B . -8.46 -1.78 -2.87
C20 Z7I B . -9.48 -1.21 -1.98
C21 Z7I B . -10.30 -0.13 -2.68
CL2 Z7I B . -6.89 8.20 -3.76
S1 Z7I B . -7.76 -3.15 -2.34
C22 Z7I B . -6.59 -2.69 -1.12
O3 Z7I B . -7.06 -3.73 -3.44
O4 Z7I B . -8.79 -3.91 -1.70
O5 Z7I B . -0.91 9.06 -3.72
C23 Z7I B . -0.02 7.98 -3.41
#